data_9IL8
#
_entry.id   9IL8
#
_cell.length_a   35.355
_cell.length_b   50.746
_cell.length_c   129.9
_cell.angle_alpha   90
_cell.angle_beta   92.705
_cell.angle_gamma   90
#
_symmetry.space_group_name_H-M   'P 1 21 1'
#
loop_
_entity.id
_entity.type
_entity.pdbx_description
1 polymer beta-lactamase
2 non-polymer (2S,5R)-1-formyl-3-methyl-5-[(sulfooxy)amino]-1,2,5,6-tetrahydropyridine-2-carboxamide
3 non-polymer DI(HYDROXYETHYL)ETHER
4 non-polymer 'CHLORIDE ION'
5 water water
#
_entity_poly.entity_id   1
_entity_poly.type   'polypeptide(L)'
_entity_poly.pdbx_seq_one_letter_code
;MGNKSDAAAKQIKKLEEDFDGRIGVFAIDTGSGNTFGYRSDERFPLCSSFKGFLAAAVLERVQQKKLDINQKVKYESRDL
EYHSPITTKYKGSGMTLGDMASAALQYSDNGATNIIMERFLGGPEGMTKFMRSIGDNEFRLDRWELELNTAIPGDKRDTS
TPKAVANSLNKLALGNVLNAKVKAIYQNWLKGNTTGDARIRASVPADWVVGDKTGSCGAYGTANDYAVIWPKNRAPLIVS
IYTTRKSKDDKHSDKTIAEASRIAIQAIDHHHHHH
;
_entity_poly.pdbx_strand_id   A,B
#
loop_
_chem_comp.id
_chem_comp.type
_chem_comp.name
_chem_comp.formula
CL non-polymer 'CHLORIDE ION' 'Cl -1'
JXG non-polymer (2S,5R)-1-formyl-3-methyl-5-[(sulfooxy)amino]-1,2,5,6-tetrahydropyridine-2-carboxamide 'C8 H13 N3 O6 S'
PEG non-polymer DI(HYDROXYETHYL)ETHER 'C4 H10 O3'
#
# COMPACT_ATOMS: atom_id res chain seq x y z
N ASN A 3 5.15 -40.58 16.03
CA ASN A 3 6.36 -41.09 16.75
C ASN A 3 7.38 -39.96 17.01
N LYS A 4 8.08 -39.50 15.94
CA LYS A 4 9.14 -38.50 16.00
C LYS A 4 8.56 -37.24 16.64
N SER A 5 7.28 -37.02 16.32
CA SER A 5 6.47 -35.90 16.76
C SER A 5 6.24 -35.96 18.28
N ASP A 6 6.03 -37.19 18.80
CA ASP A 6 5.79 -37.47 20.20
C ASP A 6 7.06 -37.19 21.00
N ALA A 7 8.18 -37.73 20.49
CA ALA A 7 9.50 -37.54 21.09
C ALA A 7 9.96 -36.08 21.08
N ALA A 8 9.70 -35.35 20.00
CA ALA A 8 10.02 -33.93 19.90
C ALA A 8 9.22 -33.14 20.94
N ALA A 9 7.94 -33.52 21.09
CA ALA A 9 7.06 -32.83 22.04
C ALA A 9 7.64 -32.95 23.45
N LYS A 10 8.05 -34.18 23.79
CA LYS A 10 8.57 -34.42 25.11
C LYS A 10 9.81 -33.55 25.38
N GLN A 11 10.62 -33.37 24.32
CA GLN A 11 11.87 -32.65 24.52
C GLN A 11 11.61 -31.16 24.75
N ILE A 12 10.61 -30.56 24.06
CA ILE A 12 10.35 -29.14 24.24
C ILE A 12 9.89 -28.92 25.67
N LYS A 13 8.98 -29.83 26.10
CA LYS A 13 8.35 -29.76 27.41
C LYS A 13 9.42 -29.74 28.51
N LYS A 14 10.33 -30.72 28.47
CA LYS A 14 11.48 -30.78 29.37
C LYS A 14 12.27 -29.46 29.35
N LEU A 15 12.42 -28.90 28.14
CA LEU A 15 13.15 -27.66 27.93
C LEU A 15 12.43 -26.48 28.57
N GLU A 16 11.12 -26.45 28.50
CA GLU A 16 10.43 -25.32 29.09
C GLU A 16 10.46 -25.43 30.63
N GLU A 17 10.34 -26.66 31.17
CA GLU A 17 10.46 -26.91 32.61
C GLU A 17 11.88 -26.58 33.06
N ASP A 18 12.88 -27.05 32.31
CA ASP A 18 14.26 -26.79 32.71
C ASP A 18 14.58 -25.31 32.99
N PHE A 19 13.95 -24.38 32.23
CA PHE A 19 14.18 -22.96 32.41
C PHE A 19 12.92 -22.24 32.94
N ASP A 20 11.92 -22.97 33.46
CA ASP A 20 10.72 -22.35 34.03
C ASP A 20 10.14 -21.29 33.09
N GLY A 21 9.88 -21.70 31.84
CA GLY A 21 9.38 -20.78 30.85
C GLY A 21 8.32 -21.46 29.97
N ARG A 22 8.18 -20.90 28.76
CA ARG A 22 7.12 -21.33 27.85
C ARG A 22 7.68 -21.23 26.43
N ILE A 23 7.65 -22.35 25.69
CA ILE A 23 8.16 -22.43 24.34
C ILE A 23 7.02 -22.77 23.37
N GLY A 24 6.86 -21.93 22.35
CA GLY A 24 6.01 -22.25 21.21
C GLY A 24 6.81 -22.46 19.94
N VAL A 25 6.43 -23.50 19.19
CA VAL A 25 7.20 -23.97 18.06
C VAL A 25 6.26 -24.30 16.92
N PHE A 26 6.58 -23.81 15.72
CA PHE A 26 6.06 -24.40 14.51
C PHE A 26 7.18 -24.55 13.48
N ALA A 27 7.19 -25.67 12.76
CA ALA A 27 8.23 -25.92 11.76
C ALA A 27 7.63 -26.66 10.57
N ILE A 28 8.07 -26.37 9.36
CA ILE A 28 7.49 -27.01 8.18
C ILE A 28 8.65 -27.38 7.25
N ASP A 29 8.66 -28.63 6.77
CA ASP A 29 9.47 -29.02 5.64
C ASP A 29 8.65 -28.84 4.36
N THR A 30 8.97 -27.77 3.60
CA THR A 30 8.20 -27.47 2.38
C THR A 30 8.41 -28.58 1.31
N GLY A 31 9.49 -29.38 1.40
CA GLY A 31 9.66 -30.41 0.37
C GLY A 31 8.80 -31.65 0.63
N SER A 32 8.41 -31.93 1.87
CA SER A 32 7.85 -33.22 2.23
C SER A 32 6.46 -33.06 2.80
N GLY A 33 6.16 -31.88 3.36
CA GLY A 33 4.85 -31.68 4.00
C GLY A 33 4.91 -31.83 5.52
N ASN A 34 6.04 -32.37 6.04
CA ASN A 34 6.16 -32.65 7.46
C ASN A 34 6.09 -31.38 8.29
N THR A 35 5.24 -31.38 9.34
CA THR A 35 5.05 -30.27 10.27
C THR A 35 5.27 -30.74 11.73
N PHE A 36 5.49 -29.77 12.62
CA PHE A 36 5.59 -30.07 14.02
C PHE A 36 5.18 -28.78 14.70
N GLY A 37 4.45 -28.91 15.81
CA GLY A 37 3.93 -27.76 16.52
C GLY A 37 3.92 -28.08 18.00
N TYR A 38 4.26 -27.10 18.83
CA TYR A 38 4.13 -27.29 20.25
C TYR A 38 3.72 -25.91 20.74
N ARG A 39 2.53 -25.87 21.38
CA ARG A 39 1.86 -24.64 21.73
C ARG A 39 1.78 -23.71 20.52
N SER A 40 1.48 -24.25 19.32
CA SER A 40 1.65 -23.50 18.08
C SER A 40 0.56 -22.45 17.86
N ASP A 41 -0.58 -22.58 18.57
CA ASP A 41 -1.74 -21.72 18.42
C ASP A 41 -1.93 -20.83 19.65
N GLU A 42 -0.98 -20.90 20.61
CA GLU A 42 -0.91 -19.99 21.74
C GLU A 42 -0.17 -18.71 21.35
N ARG A 43 -0.45 -17.66 22.13
CA ARG A 43 0.01 -16.31 21.87
C ARG A 43 1.31 -16.02 22.62
N PHE A 44 2.21 -15.26 21.97
CA PHE A 44 3.51 -14.87 22.48
C PHE A 44 3.82 -13.47 21.98
N PRO A 45 4.51 -12.62 22.80
CA PRO A 45 4.89 -11.30 22.33
C PRO A 45 5.77 -11.40 21.07
N LEU A 46 5.57 -10.45 20.15
CA LEU A 46 6.31 -10.46 18.93
C LEU A 46 7.70 -9.87 19.14
N CYS A 47 7.79 -8.86 20.02
CA CYS A 47 8.97 -8.05 20.22
C CYS A 47 9.36 -7.51 18.83
N SER A 48 10.67 -7.48 18.55
CA SER A 48 11.26 -7.01 17.30
C SER A 48 10.93 -7.90 16.09
N SER A 49 10.37 -9.07 16.31
CA SER A 49 10.26 -10.02 15.21
C SER A 49 9.24 -9.55 14.17
N PHE A 50 8.35 -8.61 14.53
CA PHE A 50 7.34 -8.17 13.59
C PHE A 50 7.98 -7.26 12.52
N LYS A 51 9.25 -6.83 12.76
CA LYS A 51 9.93 -5.93 11.86
C LYS A 51 10.24 -6.65 10.56
N GLY A 52 10.44 -7.96 10.63
CA GLY A 52 10.55 -8.79 9.44
C GLY A 52 9.35 -8.64 8.51
N PHE A 53 8.13 -8.53 9.06
CA PHE A 53 6.90 -8.38 8.30
C PHE A 53 6.75 -6.94 7.81
N LEU A 54 7.11 -5.98 8.66
CA LEU A 54 7.11 -4.58 8.28
C LEU A 54 7.94 -4.38 7.01
N ALA A 55 8.99 -5.16 6.86
CA ALA A 55 9.82 -4.97 5.68
C ALA A 55 9.11 -5.57 4.47
N ALA A 56 8.36 -6.63 4.71
CA ALA A 56 7.59 -7.27 3.68
C ALA A 56 6.49 -6.30 3.21
N ALA A 57 5.92 -5.56 4.15
CA ALA A 57 4.85 -4.64 3.82
C ALA A 57 5.40 -3.52 2.94
N VAL A 58 6.58 -3.02 3.34
CA VAL A 58 7.19 -1.97 2.55
C VAL A 58 7.36 -2.41 1.09
N LEU A 59 7.89 -3.64 0.89
CA LEU A 59 8.14 -4.19 -0.45
C LEU A 59 6.83 -4.35 -1.24
N GLU A 60 5.74 -4.71 -0.54
CA GLU A 60 4.51 -4.90 -1.27
C GLU A 60 4.06 -3.55 -1.81
N ARG A 61 4.29 -2.48 -1.03
CA ARG A 61 3.84 -1.15 -1.39
C ARG A 61 4.61 -0.67 -2.62
N VAL A 62 5.95 -0.93 -2.67
CA VAL A 62 6.81 -0.69 -3.82
C VAL A 62 6.29 -1.46 -5.04
N GLN A 63 5.98 -2.74 -4.85
CA GLN A 63 5.48 -3.54 -5.96
C GLN A 63 4.15 -2.96 -6.50
N GLN A 64 3.27 -2.48 -5.60
CA GLN A 64 2.03 -1.85 -6.00
C GLN A 64 2.24 -0.41 -6.48
N LYS A 65 3.49 0.09 -6.38
CA LYS A 65 3.99 1.32 -6.97
C LYS A 65 3.49 2.54 -6.21
N LYS A 66 3.03 2.33 -4.97
CA LYS A 66 2.66 3.41 -4.04
C LYS A 66 3.90 4.06 -3.41
N LEU A 67 5.02 3.31 -3.45
CA LEU A 67 6.32 3.74 -2.94
C LEU A 67 7.40 3.36 -3.95
N ASP A 68 8.51 4.09 -3.90
CA ASP A 68 9.66 3.87 -4.74
C ASP A 68 10.78 3.49 -3.80
N ILE A 69 11.54 2.44 -4.15
CA ILE A 69 12.50 1.81 -3.26
C ILE A 69 13.69 2.73 -3.00
N ASN A 70 13.93 3.69 -3.91
CA ASN A 70 15.05 4.62 -3.78
C ASN A 70 14.58 6.01 -3.36
N GLN A 71 13.29 6.12 -2.90
CA GLN A 71 12.83 7.44 -2.46
C GLN A 71 13.56 7.82 -1.18
N LYS A 72 13.81 9.11 -0.99
CA LYS A 72 14.60 9.56 0.15
C LYS A 72 13.64 9.77 1.33
N VAL A 73 14.03 9.24 2.50
CA VAL A 73 13.36 9.48 3.75
C VAL A 73 14.25 10.33 4.69
N LYS A 74 13.80 11.58 4.92
CA LYS A 74 14.56 12.56 5.67
C LYS A 74 13.89 12.72 7.03
N TYR A 75 14.73 12.88 8.06
CA TYR A 75 14.35 12.98 9.47
C TYR A 75 15.47 13.66 10.27
N GLU A 76 15.99 14.79 9.77
CA GLU A 76 17.21 15.40 10.29
C GLU A 76 17.01 15.90 11.72
N SER A 77 15.76 16.26 12.07
CA SER A 77 15.47 16.80 13.39
C SER A 77 14.68 15.82 14.25
N ARG A 78 14.60 14.54 13.86
CA ARG A 78 13.76 13.63 14.62
C ARG A 78 14.55 13.02 15.78
N ASP A 79 14.07 13.20 17.03
CA ASP A 79 14.64 12.44 18.13
C ASP A 79 14.44 10.95 17.87
N LEU A 80 15.55 10.24 17.67
CA LEU A 80 15.47 8.82 17.38
C LEU A 80 15.31 8.00 18.64
N GLU A 81 14.49 6.96 18.54
CA GLU A 81 14.30 6.01 19.62
C GLU A 81 15.60 5.27 19.90
N TYR A 82 15.74 4.86 21.17
CA TYR A 82 16.68 3.88 21.67
C TYR A 82 16.81 2.76 20.65
N HIS A 83 18.08 2.31 20.46
CA HIS A 83 18.49 1.30 19.49
C HIS A 83 18.08 1.74 18.10
N SER A 84 18.58 2.89 17.68
CA SER A 84 18.56 3.29 16.28
C SER A 84 19.98 3.31 15.68
N PRO A 85 20.71 2.17 15.68
CA PRO A 85 22.11 2.18 15.30
C PRO A 85 22.31 2.66 13.86
N ILE A 86 21.37 2.31 12.97
CA ILE A 86 21.62 2.62 11.58
C ILE A 86 21.06 4.02 11.26
N THR A 87 19.82 4.23 11.65
CA THR A 87 19.20 5.50 11.33
C THR A 87 20.00 6.66 11.93
N THR A 88 20.64 6.46 13.09
CA THR A 88 21.30 7.56 13.78
C THR A 88 22.54 7.98 12.99
N LYS A 89 23.15 7.09 12.22
CA LYS A 89 24.33 7.45 11.42
C LYS A 89 23.96 8.11 10.08
N TYR A 90 22.70 7.94 9.65
CA TYR A 90 22.27 8.57 8.42
C TYR A 90 21.38 9.78 8.73
N LYS A 91 21.45 10.35 9.93
CA LYS A 91 20.40 11.31 10.29
C LYS A 91 20.53 12.58 9.45
N GLY A 92 21.80 12.96 9.15
CA GLY A 92 22.16 14.16 8.41
C GLY A 92 21.61 14.15 6.99
N SER A 93 21.70 12.99 6.32
CA SER A 93 21.48 12.91 4.89
C SER A 93 20.20 12.12 4.54
N GLY A 94 19.53 11.52 5.53
CA GLY A 94 18.40 10.62 5.28
C GLY A 94 18.86 9.28 4.71
N MET A 95 17.90 8.37 4.44
CA MET A 95 18.19 7.11 3.74
C MET A 95 17.11 6.85 2.68
N THR A 96 17.42 5.94 1.74
CA THR A 96 16.40 5.43 0.84
C THR A 96 15.39 4.58 1.63
N LEU A 97 14.19 4.41 1.04
CA LEU A 97 13.14 3.58 1.62
C LEU A 97 13.64 2.17 1.91
N GLY A 98 14.28 1.58 0.89
CA GLY A 98 14.61 0.17 0.95
C GLY A 98 15.72 -0.04 1.98
N ASP A 99 16.62 0.95 2.09
CA ASP A 99 17.70 0.87 3.06
C ASP A 99 17.12 0.96 4.47
N MET A 100 16.25 1.93 4.72
CA MET A 100 15.65 2.05 6.03
C MET A 100 14.88 0.77 6.39
N ALA A 101 14.11 0.23 5.43
CA ALA A 101 13.29 -0.95 5.75
C ALA A 101 14.18 -2.14 6.09
N SER A 102 15.32 -2.30 5.39
CA SER A 102 16.20 -3.45 5.59
C SER A 102 17.03 -3.25 6.86
N ALA A 103 17.26 -1.99 7.22
CA ALA A 103 17.78 -1.69 8.54
C ALA A 103 16.76 -2.10 9.59
N ALA A 104 15.50 -1.78 9.37
CA ALA A 104 14.50 -2.19 10.34
C ALA A 104 14.65 -3.70 10.56
N LEU A 105 14.80 -4.48 9.46
CA LEU A 105 14.84 -5.93 9.63
C LEU A 105 16.21 -6.35 10.20
N GLN A 106 17.31 -5.95 9.53
CA GLN A 106 18.59 -6.62 9.67
C GLN A 106 19.30 -6.18 10.96
N TYR A 107 18.88 -5.03 11.49
CA TYR A 107 19.51 -4.47 12.67
C TYR A 107 18.46 -4.17 13.74
N SER A 108 17.18 -4.41 13.43
CA SER A 108 16.14 -4.20 14.40
C SER A 108 16.02 -2.70 14.75
N ASP A 109 16.24 -1.82 13.76
CA ASP A 109 16.41 -0.40 14.03
C ASP A 109 15.04 0.15 14.40
N ASN A 110 14.88 0.74 15.61
CA ASN A 110 13.58 1.14 16.13
C ASN A 110 13.12 2.43 15.44
N GLY A 111 14.10 3.26 15.04
CA GLY A 111 13.80 4.52 14.37
C GLY A 111 13.19 4.25 13.00
N ALA A 112 13.83 3.33 12.29
CA ALA A 112 13.44 2.87 10.97
C ALA A 112 12.01 2.37 11.07
N THR A 113 11.78 1.46 12.02
CA THR A 113 10.49 0.88 12.33
C THR A 113 9.41 1.95 12.47
N ASN A 114 9.60 2.89 13.39
CA ASN A 114 8.50 3.79 13.72
C ASN A 114 8.34 4.86 12.64
N ILE A 115 9.44 5.22 11.97
CA ILE A 115 9.33 6.15 10.86
C ILE A 115 8.53 5.47 9.73
N ILE A 116 8.78 4.18 9.48
CA ILE A 116 8.12 3.52 8.39
C ILE A 116 6.63 3.42 8.73
N MET A 117 6.30 2.98 9.97
CA MET A 117 4.89 2.90 10.33
C MET A 117 4.26 4.30 10.29
N GLU A 118 5.00 5.34 10.65
CA GLU A 118 4.32 6.63 10.70
C GLU A 118 4.00 7.13 9.27
N ARG A 119 4.87 6.90 8.31
CA ARG A 119 4.75 7.64 7.07
C ARG A 119 4.22 6.79 5.92
N PHE A 120 4.40 5.47 5.97
CA PHE A 120 4.07 4.67 4.80
C PHE A 120 3.01 3.61 5.09
N LEU A 121 2.84 3.16 6.33
CA LEU A 121 2.14 1.91 6.59
C LEU A 121 0.85 2.09 7.41
N GLY A 122 0.58 3.28 7.93
CA GLY A 122 -0.66 3.52 8.67
C GLY A 122 -0.53 3.09 10.13
N GLY A 123 0.69 3.16 10.67
CA GLY A 123 0.84 2.85 12.08
C GLY A 123 0.61 1.37 12.35
N PRO A 124 0.48 1.01 13.65
CA PRO A 124 0.21 -0.35 14.06
C PRO A 124 -1.07 -0.96 13.47
N GLU A 125 -2.15 -0.16 13.31
CA GLU A 125 -3.35 -0.78 12.74
C GLU A 125 -3.08 -1.13 11.28
N GLY A 126 -2.37 -0.27 10.53
CA GLY A 126 -1.99 -0.50 9.14
C GLY A 126 -1.10 -1.75 8.99
N MET A 127 -0.12 -1.90 9.90
CA MET A 127 0.70 -3.11 9.98
C MET A 127 -0.17 -4.35 10.25
N THR A 128 -1.12 -4.27 11.21
CA THR A 128 -2.09 -5.35 11.42
C THR A 128 -2.90 -5.64 10.15
N LYS A 129 -3.49 -4.59 9.53
CA LYS A 129 -4.21 -4.74 8.27
C LYS A 129 -3.38 -5.47 7.22
N PHE A 130 -2.10 -5.11 7.04
CA PHE A 130 -1.29 -5.80 6.04
C PHE A 130 -1.30 -7.29 6.34
N MET A 131 -1.12 -7.64 7.62
CA MET A 131 -1.08 -9.06 7.93
C MET A 131 -2.43 -9.72 7.61
N ARG A 132 -3.54 -9.05 7.95
CA ARG A 132 -4.87 -9.60 7.67
C ARG A 132 -4.97 -9.86 6.17
N SER A 133 -4.31 -9.01 5.34
CA SER A 133 -4.55 -9.06 3.91
C SER A 133 -3.83 -10.26 3.28
N ILE A 134 -3.02 -10.99 4.05
CA ILE A 134 -2.41 -12.18 3.47
C ILE A 134 -3.03 -13.38 4.16
N GLY A 135 -4.11 -13.13 4.90
CA GLY A 135 -4.86 -14.15 5.64
C GLY A 135 -4.18 -14.56 6.94
N ASP A 136 -3.52 -13.64 7.62
CA ASP A 136 -3.07 -13.97 8.96
C ASP A 136 -4.05 -13.32 9.95
N ASN A 137 -4.90 -14.16 10.60
CA ASN A 137 -5.97 -13.74 11.51
C ASN A 137 -5.48 -13.57 12.96
N GLU A 138 -4.28 -14.08 13.23
CA GLU A 138 -3.73 -14.17 14.58
C GLU A 138 -2.93 -12.91 14.95
N PHE A 139 -2.13 -12.39 14.00
CA PHE A 139 -1.19 -11.32 14.26
C PHE A 139 -1.91 -10.06 14.75
N ARG A 140 -1.37 -9.38 15.77
CA ARG A 140 -1.75 -8.00 16.01
C ARG A 140 -0.56 -7.16 16.52
N LEU A 141 -0.46 -5.94 15.97
CA LEU A 141 0.37 -4.96 16.59
C LEU A 141 -0.51 -3.81 17.04
N ASP A 142 -0.25 -3.28 18.23
CA ASP A 142 -1.16 -2.31 18.82
C ASP A 142 -0.40 -1.04 19.22
N ARG A 143 0.91 -1.16 19.50
CA ARG A 143 1.66 -0.03 20.04
C ARG A 143 2.92 0.26 19.21
N TRP A 144 3.61 1.36 19.51
CA TRP A 144 4.80 1.70 18.73
C TRP A 144 6.05 1.20 19.45
N GLU A 145 7.18 1.34 18.77
CA GLU A 145 8.45 1.07 19.43
C GLU A 145 8.77 2.17 20.44
N LEU A 146 8.62 1.80 21.69
CA LEU A 146 9.29 0.70 22.35
C LEU A 146 8.22 0.09 23.28
N GLU A 147 7.08 0.78 23.48
CA GLU A 147 5.96 0.38 24.35
C GLU A 147 5.43 -1.02 24.00
N LEU A 148 5.63 -1.45 22.75
CA LEU A 148 5.08 -2.72 22.26
C LEU A 148 5.82 -3.93 22.85
N ASN A 149 6.97 -3.69 23.53
CA ASN A 149 7.87 -4.72 24.06
C ASN A 149 7.63 -5.09 25.53
N THR A 150 6.50 -4.71 26.14
CA THR A 150 6.26 -4.99 27.55
C THR A 150 6.16 -6.49 27.87
N ALA A 151 5.67 -7.34 26.93
CA ALA A 151 5.62 -8.80 27.10
C ALA A 151 4.92 -9.23 28.40
N ILE A 152 3.91 -8.46 28.81
CA ILE A 152 3.17 -8.84 30.02
C ILE A 152 2.38 -10.12 29.80
N PRO A 153 2.53 -11.15 30.66
CA PRO A 153 1.76 -12.40 30.54
C PRO A 153 0.30 -12.03 30.52
N GLY A 154 -0.46 -12.67 29.62
CA GLY A 154 -1.91 -12.56 29.54
C GLY A 154 -2.37 -11.36 28.70
N ASP A 155 -1.41 -10.59 28.18
CA ASP A 155 -1.70 -9.41 27.36
C ASP A 155 -1.65 -9.79 25.87
N LYS A 156 -2.78 -9.58 25.16
CA LYS A 156 -2.85 -9.94 23.74
C LYS A 156 -2.19 -8.88 22.87
N ARG A 157 -1.99 -7.69 23.39
CA ARG A 157 -1.37 -6.62 22.62
C ARG A 157 -0.01 -7.07 22.03
N ASP A 158 0.23 -6.69 20.77
CA ASP A 158 1.50 -6.92 20.12
C ASP A 158 1.90 -8.40 20.18
N THR A 159 0.97 -9.31 19.89
CA THR A 159 1.26 -10.74 19.99
C THR A 159 0.93 -11.45 18.69
N SER A 160 1.38 -12.68 18.59
CA SER A 160 0.95 -13.60 17.55
C SER A 160 1.15 -15.03 18.01
N THR A 161 1.01 -16.00 17.12
CA THR A 161 1.22 -17.39 17.44
C THR A 161 2.31 -17.91 16.51
N PRO A 162 3.04 -18.98 16.93
CA PRO A 162 4.13 -19.55 16.13
C PRO A 162 3.71 -20.05 14.75
N LYS A 163 2.55 -20.66 14.70
CA LYS A 163 1.98 -21.20 13.45
C LYS A 163 1.69 -20.09 12.42
N ALA A 164 1.01 -19.04 12.90
CA ALA A 164 0.68 -17.89 12.09
C ALA A 164 1.97 -17.20 11.64
N VAL A 165 2.96 -17.10 12.52
CA VAL A 165 4.26 -16.53 12.13
C VAL A 165 4.88 -17.36 11.00
N ALA A 166 4.99 -18.68 11.20
CA ALA A 166 5.53 -19.61 10.23
C ALA A 166 4.76 -19.50 8.92
N ASN A 167 3.43 -19.62 8.97
CA ASN A 167 2.67 -19.61 7.73
C ASN A 167 2.87 -18.29 7.00
N SER A 168 2.74 -17.15 7.72
CA SER A 168 2.94 -15.83 7.13
C SER A 168 4.30 -15.70 6.43
N LEU A 169 5.36 -16.13 7.13
CA LEU A 169 6.71 -16.15 6.55
C LEU A 169 6.76 -17.00 5.27
N ASN A 170 6.07 -18.14 5.31
CA ASN A 170 6.08 -19.05 4.17
C ASN A 170 5.42 -18.32 3.00
N LYS A 171 4.30 -17.63 3.27
CA LYS A 171 3.62 -16.79 2.27
C LYS A 171 4.54 -15.73 1.65
N LEU A 172 5.30 -14.99 2.48
CA LEU A 172 6.05 -13.81 2.05
C LEU A 172 7.40 -14.19 1.46
N ALA A 173 8.08 -15.15 2.08
CA ALA A 173 9.44 -15.50 1.65
C ALA A 173 9.37 -16.52 0.53
N LEU A 174 8.33 -17.33 0.48
CA LEU A 174 8.35 -18.50 -0.41
C LEU A 174 7.16 -18.47 -1.37
N GLY A 175 6.05 -17.84 -0.93
CA GLY A 175 4.82 -17.83 -1.73
C GLY A 175 4.85 -16.71 -2.78
N ASN A 176 3.67 -16.30 -3.22
CA ASN A 176 3.54 -15.34 -4.29
C ASN A 176 2.70 -14.14 -3.84
N VAL A 177 2.86 -13.66 -2.59
CA VAL A 177 2.41 -12.32 -2.24
C VAL A 177 3.32 -11.34 -2.99
N LEU A 178 4.59 -11.69 -3.10
CA LEU A 178 5.58 -10.79 -3.67
C LEU A 178 5.99 -11.43 -4.98
N ASN A 179 6.20 -10.60 -6.01
CA ASN A 179 6.59 -11.10 -7.30
C ASN A 179 8.07 -11.49 -7.26
N ALA A 180 8.51 -12.23 -8.27
CA ALA A 180 9.76 -12.96 -8.25
C ALA A 180 10.88 -12.01 -7.86
N LYS A 181 10.90 -10.82 -8.50
CA LYS A 181 12.00 -9.88 -8.31
C LYS A 181 11.98 -9.29 -6.89
N VAL A 182 10.79 -8.97 -6.37
CA VAL A 182 10.68 -8.27 -5.10
C VAL A 182 10.90 -9.26 -3.95
N LYS A 183 10.54 -10.54 -4.20
CA LYS A 183 10.65 -11.60 -3.23
C LYS A 183 12.13 -11.97 -3.04
N ALA A 184 12.88 -11.93 -4.15
CA ALA A 184 14.33 -12.11 -4.16
C ALA A 184 15.00 -11.11 -3.21
N ILE A 185 14.57 -9.85 -3.28
CA ILE A 185 15.09 -8.80 -2.41
C ILE A 185 14.75 -9.10 -0.93
N TYR A 186 13.45 -9.35 -0.69
CA TYR A 186 12.99 -9.71 0.64
C TYR A 186 13.87 -10.84 1.17
N GLN A 187 14.08 -11.87 0.33
CA GLN A 187 14.86 -13.03 0.76
C GLN A 187 16.26 -12.60 1.14
N ASN A 188 16.89 -11.75 0.31
CA ASN A 188 18.24 -11.27 0.60
C ASN A 188 18.30 -10.48 1.92
N TRP A 189 17.24 -9.74 2.22
CA TRP A 189 17.22 -8.97 3.44
C TRP A 189 17.29 -9.90 4.63
N LEU A 190 16.58 -11.04 4.53
CA LEU A 190 16.44 -12.04 5.56
C LEU A 190 17.76 -12.77 5.78
N LYS A 191 18.43 -13.05 4.67
CA LYS A 191 19.70 -13.76 4.70
C LYS A 191 20.79 -12.89 5.34
N GLY A 192 20.73 -11.58 5.17
CA GLY A 192 21.78 -10.70 5.69
C GLY A 192 21.45 -10.16 7.09
N ASN A 193 20.53 -10.84 7.82
CA ASN A 193 20.13 -10.42 9.15
C ASN A 193 21.32 -10.54 10.12
N THR A 194 21.54 -9.53 10.98
CA THR A 194 22.78 -9.50 11.76
C THR A 194 22.61 -9.94 13.22
N THR A 195 21.38 -10.23 13.68
CA THR A 195 21.09 -10.38 15.12
C THR A 195 20.79 -11.84 15.50
N GLY A 196 20.92 -12.77 14.57
CA GLY A 196 20.41 -14.09 14.84
C GLY A 196 21.43 -15.20 14.96
N ASP A 197 22.68 -14.89 15.26
CA ASP A 197 23.73 -15.88 15.15
C ASP A 197 23.61 -16.98 16.20
N ALA A 198 23.05 -16.67 17.37
CA ALA A 198 23.03 -17.63 18.47
C ALA A 198 21.67 -18.32 18.63
N ARG A 199 20.78 -18.18 17.63
CA ARG A 199 19.44 -18.75 17.72
C ARG A 199 19.30 -19.83 16.66
N ILE A 200 18.45 -19.62 15.64
CA ILE A 200 18.15 -20.69 14.71
C ILE A 200 19.38 -21.04 13.86
N ARG A 201 20.16 -20.01 13.48
CA ARG A 201 21.39 -20.23 12.70
C ARG A 201 22.38 -21.18 13.41
N ALA A 202 22.46 -21.07 14.74
CA ALA A 202 23.28 -21.91 15.59
C ALA A 202 22.78 -23.37 15.58
N SER A 203 21.54 -23.62 15.13
CA SER A 203 20.94 -24.96 15.19
C SER A 203 21.12 -25.82 13.92
N VAL A 204 21.93 -25.36 12.93
CA VAL A 204 21.90 -25.92 11.58
C VAL A 204 23.32 -25.98 11.06
N PRO A 205 23.70 -26.96 10.19
CA PRO A 205 25.03 -27.01 9.60
C PRO A 205 25.33 -25.62 9.04
N ALA A 206 26.60 -25.23 9.17
CA ALA A 206 27.02 -23.92 8.73
C ALA A 206 26.82 -23.77 7.23
N ASP A 207 26.73 -24.89 6.50
CA ASP A 207 26.64 -24.76 5.05
C ASP A 207 25.21 -24.50 4.56
N TRP A 208 24.19 -24.62 5.43
CA TRP A 208 22.81 -24.27 5.13
C TRP A 208 22.62 -22.75 5.12
N VAL A 209 21.75 -22.25 4.23
CA VAL A 209 21.49 -20.83 4.11
C VAL A 209 20.28 -20.51 5.00
N VAL A 210 20.43 -19.47 5.83
CA VAL A 210 19.36 -19.06 6.70
C VAL A 210 19.09 -17.58 6.45
N GLY A 211 17.82 -17.22 6.35
CA GLY A 211 17.33 -15.87 6.53
C GLY A 211 16.40 -15.89 7.73
N ASP A 212 16.49 -14.86 8.62
CA ASP A 212 15.82 -14.90 9.90
C ASP A 212 15.46 -13.48 10.36
N LYS A 213 14.55 -13.40 11.36
CA LYS A 213 14.39 -12.20 12.16
C LYS A 213 14.14 -12.58 13.61
N THR A 214 14.89 -11.99 14.53
CA THR A 214 14.81 -12.29 15.95
C THR A 214 13.95 -11.23 16.61
N GLY A 215 13.50 -11.51 17.82
CA GLY A 215 12.96 -10.52 18.74
C GLY A 215 13.45 -10.81 20.14
N SER A 216 13.68 -9.74 20.90
CA SER A 216 14.14 -9.80 22.29
C SER A 216 13.44 -8.66 23.01
N CYS A 217 12.44 -8.99 23.80
CA CYS A 217 11.65 -7.92 24.39
C CYS A 217 12.48 -7.27 25.48
N GLY A 218 13.37 -8.08 26.12
CA GLY A 218 14.12 -7.67 27.31
C GLY A 218 13.22 -7.58 28.55
N ALA A 219 12.08 -8.29 28.59
CA ALA A 219 11.29 -8.42 29.79
C ALA A 219 10.66 -9.81 29.76
N TYR A 220 10.53 -10.40 30.97
CA TYR A 220 9.88 -11.70 31.10
C TYR A 220 10.63 -12.76 30.31
N GLY A 221 11.94 -12.55 30.19
CA GLY A 221 12.79 -13.45 29.44
C GLY A 221 12.27 -13.75 28.00
N THR A 222 11.65 -12.75 27.34
CA THR A 222 10.89 -13.07 26.15
C THR A 222 11.78 -12.92 24.93
N ALA A 223 11.88 -13.94 24.08
CA ALA A 223 12.68 -13.80 22.87
C ALA A 223 12.22 -14.86 21.86
N ASN A 224 12.61 -14.70 20.59
CA ASN A 224 12.08 -15.52 19.52
C ASN A 224 12.96 -15.42 18.28
N ASP A 225 12.70 -16.30 17.30
CA ASP A 225 13.37 -16.20 16.02
C ASP A 225 12.50 -16.94 15.02
N TYR A 226 12.38 -16.41 13.80
CA TYR A 226 11.75 -17.16 12.73
C TYR A 226 12.71 -17.14 11.54
N ALA A 227 12.75 -18.26 10.80
CA ALA A 227 13.72 -18.44 9.73
C ALA A 227 13.12 -19.22 8.58
N VAL A 228 13.46 -18.82 7.35
CA VAL A 228 13.50 -19.70 6.19
C VAL A 228 14.88 -20.37 6.15
N ILE A 229 14.93 -21.65 5.77
CA ILE A 229 16.22 -22.31 5.81
C ILE A 229 16.37 -23.06 4.52
N TRP A 230 17.47 -22.79 3.80
CA TRP A 230 17.69 -23.52 2.56
C TRP A 230 18.77 -24.59 2.77
N PRO A 231 18.46 -25.88 2.98
CA PRO A 231 19.53 -26.88 3.11
C PRO A 231 20.10 -27.15 1.71
N LYS A 232 21.26 -27.81 1.61
CA LYS A 232 21.78 -28.11 0.28
C LYS A 232 20.95 -29.23 -0.32
N ASN A 233 20.61 -29.10 -1.62
CA ASN A 233 19.99 -30.18 -2.40
C ASN A 233 18.67 -30.65 -1.78
N ARG A 234 17.86 -29.70 -1.29
CA ARG A 234 16.61 -29.99 -0.60
C ARG A 234 15.75 -28.74 -0.61
N ALA A 235 14.46 -28.90 -0.26
CA ALA A 235 13.52 -27.80 -0.29
C ALA A 235 13.66 -26.97 0.99
N PRO A 236 13.26 -25.68 1.00
CA PRO A 236 13.40 -24.86 2.19
C PRO A 236 12.59 -25.38 3.37
N LEU A 237 13.03 -25.05 4.60
CA LEU A 237 12.31 -25.34 5.83
C LEU A 237 11.87 -24.01 6.42
N ILE A 238 10.80 -24.06 7.20
CA ILE A 238 10.37 -22.86 7.90
C ILE A 238 10.32 -23.23 9.38
N VAL A 239 10.93 -22.37 10.23
CA VAL A 239 10.98 -22.61 11.66
C VAL A 239 10.61 -21.30 12.36
N SER A 240 9.77 -21.43 13.37
CA SER A 240 9.27 -20.33 14.18
C SER A 240 9.44 -20.74 15.65
N ILE A 241 10.20 -19.94 16.44
CA ILE A 241 10.45 -20.22 17.85
C ILE A 241 10.16 -19.00 18.71
N TYR A 242 9.25 -19.19 19.69
CA TYR A 242 8.81 -18.12 20.58
C TYR A 242 8.90 -18.62 22.03
N THR A 243 9.42 -17.79 22.94
CA THR A 243 9.68 -18.21 24.32
C THR A 243 9.30 -17.05 25.24
N THR A 244 8.71 -17.40 26.38
CA THR A 244 8.66 -16.46 27.48
C THR A 244 9.07 -17.18 28.76
N ARG A 245 9.16 -16.37 29.84
CA ARG A 245 9.61 -16.85 31.13
C ARG A 245 8.70 -16.26 32.21
N LYS A 246 8.74 -16.89 33.40
CA LYS A 246 7.77 -16.65 34.45
C LYS A 246 7.97 -15.28 35.08
N SER A 247 9.23 -14.90 35.34
CA SER A 247 9.46 -13.67 36.08
C SER A 247 9.86 -12.51 35.16
N LYS A 248 9.46 -11.30 35.61
CA LYS A 248 9.62 -10.08 34.88
C LYS A 248 11.11 -9.81 34.59
N ASP A 249 11.95 -10.19 35.55
CA ASP A 249 13.36 -9.83 35.58
C ASP A 249 14.21 -10.89 34.89
N ASP A 250 13.55 -11.99 34.46
CA ASP A 250 14.23 -13.14 33.87
C ASP A 250 14.96 -12.74 32.59
N LYS A 251 16.16 -13.30 32.41
CA LYS A 251 16.89 -13.08 31.17
C LYS A 251 16.36 -14.03 30.10
N HIS A 252 16.47 -13.61 28.84
CA HIS A 252 16.13 -14.51 27.76
C HIS A 252 17.23 -15.55 27.57
N SER A 253 16.88 -16.68 26.92
CA SER A 253 17.84 -17.77 26.74
C SER A 253 18.03 -18.07 25.25
N ASP A 254 19.15 -17.65 24.62
CA ASP A 254 19.44 -17.91 23.22
C ASP A 254 19.58 -19.41 22.94
N LYS A 255 20.14 -20.08 23.93
CA LYS A 255 20.50 -21.48 23.87
C LYS A 255 19.24 -22.38 23.91
N THR A 256 18.21 -21.94 24.65
CA THR A 256 16.93 -22.63 24.62
C THR A 256 16.27 -22.50 23.23
N ILE A 257 16.22 -21.26 22.69
CA ILE A 257 15.78 -21.05 21.33
C ILE A 257 16.51 -21.96 20.33
N ALA A 258 17.88 -21.96 20.35
CA ALA A 258 18.68 -22.76 19.46
C ALA A 258 18.36 -24.23 19.66
N GLU A 259 18.19 -24.64 20.91
CA GLU A 259 17.92 -26.04 21.16
C GLU A 259 16.48 -26.40 20.72
N ALA A 260 15.49 -25.55 20.98
CA ALA A 260 14.14 -25.87 20.51
C ALA A 260 14.14 -25.97 18.98
N SER A 261 15.01 -25.16 18.33
CA SER A 261 15.15 -25.22 16.89
C SER A 261 15.71 -26.58 16.42
N ARG A 262 16.82 -27.01 17.02
CA ARG A 262 17.35 -28.34 16.76
C ARG A 262 16.22 -29.37 16.81
N ILE A 263 15.39 -29.33 17.86
CA ILE A 263 14.35 -30.34 18.08
C ILE A 263 13.24 -30.26 17.03
N ALA A 264 12.76 -29.03 16.77
CA ALA A 264 11.76 -28.84 15.73
C ALA A 264 12.26 -29.38 14.41
N ILE A 265 13.53 -29.09 14.08
CA ILE A 265 14.06 -29.51 12.80
C ILE A 265 14.13 -31.04 12.71
N GLN A 266 14.61 -31.69 13.77
CA GLN A 266 14.74 -33.13 13.73
C GLN A 266 13.36 -33.78 13.60
N ALA A 267 12.32 -33.17 14.20
CA ALA A 267 10.99 -33.75 14.13
C ALA A 267 10.44 -33.76 12.69
N ILE A 268 10.76 -32.73 11.91
CA ILE A 268 10.16 -32.60 10.60
C ILE A 268 11.01 -33.21 9.49
N ASP A 269 12.22 -33.69 9.78
CA ASP A 269 13.13 -34.01 8.70
C ASP A 269 13.16 -35.53 8.44
N ASN B 3 5.25 -9.27 -24.18
CA ASN B 3 4.36 -10.10 -25.06
C ASN B 3 2.92 -9.56 -25.05
N LYS B 4 2.14 -9.81 -23.96
CA LYS B 4 0.76 -9.30 -23.87
C LYS B 4 0.83 -7.78 -23.94
N SER B 5 1.94 -7.22 -23.44
CA SER B 5 2.23 -5.80 -23.52
C SER B 5 2.37 -5.29 -24.96
N ASP B 6 3.04 -6.09 -25.80
CA ASP B 6 3.20 -5.82 -27.23
C ASP B 6 1.84 -5.80 -27.93
N ALA B 7 1.06 -6.85 -27.70
CA ALA B 7 -0.27 -7.01 -28.28
C ALA B 7 -1.27 -5.92 -27.81
N ALA B 8 -1.22 -5.51 -26.53
CA ALA B 8 -2.05 -4.42 -26.03
C ALA B 8 -1.67 -3.12 -26.72
N ALA B 9 -0.36 -2.93 -26.91
CA ALA B 9 0.13 -1.71 -27.54
C ALA B 9 -0.45 -1.61 -28.96
N LYS B 10 -0.38 -2.74 -29.68
CA LYS B 10 -0.87 -2.74 -31.05
C LYS B 10 -2.36 -2.39 -31.09
N GLN B 11 -3.10 -2.85 -30.09
CA GLN B 11 -4.54 -2.64 -30.12
C GLN B 11 -4.90 -1.17 -29.89
N ILE B 12 -4.18 -0.48 -29.00
CA ILE B 12 -4.50 0.91 -28.75
C ILE B 12 -4.19 1.70 -30.02
N LYS B 13 -3.03 1.35 -30.64
CA LYS B 13 -2.54 2.06 -31.82
C LYS B 13 -3.56 2.01 -32.96
N LYS B 14 -4.10 0.81 -33.22
CA LYS B 14 -5.18 0.59 -34.17
C LYS B 14 -6.36 1.47 -33.84
N LEU B 15 -6.64 1.53 -32.53
CA LEU B 15 -7.77 2.28 -32.00
C LEU B 15 -7.59 3.78 -32.21
N GLU B 16 -6.34 4.26 -32.05
CA GLU B 16 -6.20 5.69 -32.23
C GLU B 16 -6.31 6.07 -33.72
N GLU B 17 -5.81 5.20 -34.61
CA GLU B 17 -5.86 5.46 -36.05
C GLU B 17 -7.30 5.36 -36.51
N ASP B 18 -8.00 4.33 -36.01
CA ASP B 18 -9.39 4.15 -36.37
C ASP B 18 -10.28 5.38 -36.16
N PHE B 19 -10.01 6.19 -35.13
CA PHE B 19 -10.79 7.41 -34.90
C PHE B 19 -9.93 8.68 -35.08
N ASP B 20 -8.75 8.58 -35.72
CA ASP B 20 -7.91 9.75 -36.01
C ASP B 20 -7.65 10.55 -34.73
N GLY B 21 -7.15 9.86 -33.70
CA GLY B 21 -7.02 10.52 -32.42
C GLY B 21 -5.70 10.15 -31.73
N ARG B 22 -5.71 10.37 -30.42
CA ARG B 22 -4.53 10.05 -29.61
C ARG B 22 -5.04 9.53 -28.27
N ILE B 23 -4.55 8.34 -27.90
CA ILE B 23 -4.97 7.66 -26.67
C ILE B 23 -3.74 7.47 -25.78
N GLY B 24 -3.85 7.95 -24.52
CA GLY B 24 -2.87 7.63 -23.49
C GLY B 24 -3.49 6.72 -22.42
N VAL B 25 -2.75 5.69 -22.01
CA VAL B 25 -3.25 4.70 -21.07
C VAL B 25 -2.17 4.45 -20.02
N PHE B 26 -2.60 4.40 -18.74
CA PHE B 26 -1.81 3.72 -17.74
C PHE B 26 -2.70 2.86 -16.82
N ALA B 27 -2.24 1.64 -16.48
CA ALA B 27 -3.04 0.72 -15.68
C ALA B 27 -2.14 -0.01 -14.71
N ILE B 28 -2.61 -0.21 -13.48
CA ILE B 28 -1.83 -0.94 -12.50
C ILE B 28 -2.72 -2.01 -11.89
N ASP B 29 -2.20 -3.24 -11.82
CA ASP B 29 -2.78 -4.28 -11.00
C ASP B 29 -2.08 -4.25 -9.66
N THR B 30 -2.76 -3.76 -8.61
CA THR B 30 -2.11 -3.62 -7.31
C THR B 30 -1.81 -4.99 -6.65
N GLY B 31 -2.40 -6.08 -7.14
CA GLY B 31 -2.07 -7.40 -6.58
C GLY B 31 -0.69 -7.89 -7.07
N SER B 32 -0.32 -7.56 -8.29
CA SER B 32 0.82 -8.22 -8.94
C SER B 32 1.95 -7.24 -9.23
N GLY B 33 1.60 -5.96 -9.39
CA GLY B 33 2.60 -4.95 -9.69
C GLY B 33 2.71 -4.65 -11.18
N ASN B 34 2.15 -5.55 -12.00
CA ASN B 34 2.04 -5.39 -13.45
C ASN B 34 1.36 -4.07 -13.78
N THR B 35 1.98 -3.38 -14.75
CA THR B 35 1.55 -2.12 -15.32
C THR B 35 1.42 -2.23 -16.85
N PHE B 36 0.74 -1.26 -17.44
CA PHE B 36 0.63 -1.17 -18.88
C PHE B 36 0.60 0.32 -19.17
N GLY B 37 1.29 0.79 -20.18
CA GLY B 37 1.26 2.21 -20.47
C GLY B 37 1.40 2.40 -21.97
N TYR B 38 0.68 3.36 -22.52
CA TYR B 38 0.77 3.67 -23.92
C TYR B 38 0.62 5.17 -24.00
N ARG B 39 1.66 5.82 -24.50
CA ARG B 39 1.77 7.26 -24.47
C ARG B 39 1.63 7.80 -23.04
N SER B 40 2.22 7.08 -22.07
CA SER B 40 1.83 7.27 -20.67
C SER B 40 2.45 8.51 -20.06
N ASP B 41 3.49 9.07 -20.68
CA ASP B 41 4.18 10.26 -20.21
C ASP B 41 3.83 11.51 -21.03
N GLU B 42 3.01 11.37 -22.06
CA GLU B 42 2.58 12.51 -22.85
C GLU B 42 1.46 13.22 -22.09
N ARG B 43 1.24 14.49 -22.43
CA ARG B 43 0.28 15.31 -21.77
C ARG B 43 -1.05 15.30 -22.52
N PHE B 44 -2.15 15.31 -21.76
CA PHE B 44 -3.51 15.41 -22.28
C PHE B 44 -4.28 16.37 -21.39
N PRO B 45 -5.24 17.14 -21.95
CA PRO B 45 -6.06 18.02 -21.11
C PRO B 45 -6.80 17.18 -20.05
N LEU B 46 -6.91 17.76 -18.84
CA LEU B 46 -7.52 17.12 -17.70
C LEU B 46 -9.03 17.18 -17.86
N CYS B 47 -9.54 18.29 -18.43
CA CYS B 47 -10.96 18.57 -18.42
C CYS B 47 -11.46 18.40 -16.97
N SER B 48 -12.67 17.86 -16.80
CA SER B 48 -13.28 17.75 -15.49
C SER B 48 -12.58 16.75 -14.60
N SER B 49 -11.66 15.95 -15.13
CA SER B 49 -11.20 14.78 -14.39
C SER B 49 -10.41 15.26 -13.17
N PHE B 50 -10.04 16.53 -13.13
CA PHE B 50 -9.24 17.00 -12.01
C PHE B 50 -10.09 17.21 -10.78
N LYS B 51 -11.40 17.15 -10.94
CA LYS B 51 -12.34 17.37 -9.83
C LYS B 51 -12.25 16.22 -8.85
N GLY B 52 -11.88 15.04 -9.35
CA GLY B 52 -11.61 13.89 -8.46
C GLY B 52 -10.48 14.19 -7.43
N PHE B 53 -9.46 14.95 -7.88
CA PHE B 53 -8.30 15.35 -7.10
C PHE B 53 -8.70 16.50 -6.16
N LEU B 54 -9.40 17.52 -6.69
CA LEU B 54 -9.91 18.60 -5.86
C LEU B 54 -10.76 18.07 -4.69
N ALA B 55 -11.48 16.97 -4.87
CA ALA B 55 -12.30 16.48 -3.79
C ALA B 55 -11.40 15.77 -2.75
N ALA B 56 -10.30 15.18 -3.25
CA ALA B 56 -9.32 14.58 -2.38
C ALA B 56 -8.64 15.69 -1.58
N ALA B 57 -8.40 16.86 -2.21
CA ALA B 57 -7.71 17.95 -1.57
C ALA B 57 -8.59 18.46 -0.44
N VAL B 58 -9.91 18.56 -0.72
CA VAL B 58 -10.81 19.08 0.29
C VAL B 58 -10.72 18.17 1.50
N LEU B 59 -10.67 16.85 1.27
CA LEU B 59 -10.69 15.82 2.30
C LEU B 59 -9.42 15.89 3.15
N GLU B 60 -8.30 16.19 2.50
CA GLU B 60 -7.04 16.27 3.20
C GLU B 60 -7.14 17.46 4.17
N ARG B 61 -7.79 18.54 3.73
CA ARG B 61 -7.90 19.73 4.54
C ARG B 61 -8.77 19.50 5.75
N VAL B 62 -9.89 18.76 5.61
CA VAL B 62 -10.75 18.36 6.72
C VAL B 62 -9.95 17.51 7.70
N GLN B 63 -9.15 16.59 7.13
CA GLN B 63 -8.26 15.77 7.93
C GLN B 63 -7.32 16.65 8.75
N GLN B 64 -6.78 17.72 8.14
CA GLN B 64 -5.90 18.66 8.80
C GLN B 64 -6.65 19.60 9.74
N LYS B 65 -7.99 19.53 9.70
CA LYS B 65 -8.90 20.32 10.54
C LYS B 65 -8.76 21.80 10.14
N LYS B 66 -8.30 22.06 8.89
CA LYS B 66 -8.37 23.38 8.27
C LYS B 66 -9.79 23.79 7.90
N LEU B 67 -10.68 22.79 7.78
CA LEU B 67 -12.03 22.86 7.25
C LEU B 67 -12.87 21.81 7.99
N ASP B 68 -14.17 22.06 8.06
CA ASP B 68 -15.11 21.15 8.67
C ASP B 68 -15.98 20.66 7.54
N ILE B 69 -16.23 19.33 7.46
CA ILE B 69 -16.99 18.67 6.41
C ILE B 69 -18.46 19.10 6.43
N ASN B 70 -18.91 19.61 7.56
CA ASN B 70 -20.28 20.05 7.73
C ASN B 70 -20.38 21.56 7.79
N GLN B 71 -19.31 22.29 7.46
CA GLN B 71 -19.47 23.74 7.48
C GLN B 71 -20.36 24.14 6.31
N LYS B 72 -21.14 25.20 6.51
CA LYS B 72 -22.15 25.58 5.53
C LYS B 72 -21.48 26.51 4.54
N VAL B 73 -21.72 26.27 3.24
CA VAL B 73 -21.14 27.07 2.18
C VAL B 73 -22.25 27.80 1.43
N LYS B 74 -22.28 29.13 1.60
CA LYS B 74 -23.33 29.98 1.07
C LYS B 74 -22.78 30.75 -0.13
N TYR B 75 -23.63 30.94 -1.17
CA TYR B 75 -23.33 31.60 -2.43
C TYR B 75 -24.63 32.03 -3.14
N GLU B 76 -25.60 32.59 -2.40
CA GLU B 76 -26.94 32.89 -2.93
C GLU B 76 -26.89 33.93 -4.06
N SER B 77 -25.84 34.79 -4.06
CA SER B 77 -25.72 35.87 -5.02
C SER B 77 -24.80 35.52 -6.19
N ARG B 78 -24.15 34.35 -6.13
CA ARG B 78 -23.17 33.99 -7.16
C ARG B 78 -23.88 33.59 -8.46
N ASP B 79 -23.40 34.16 -9.56
CA ASP B 79 -23.79 33.66 -10.86
C ASP B 79 -23.08 32.34 -11.10
N LEU B 80 -23.86 31.28 -11.23
CA LEU B 80 -23.33 29.94 -11.33
C LEU B 80 -22.84 29.63 -12.73
N GLU B 81 -21.72 28.91 -12.81
CA GLU B 81 -21.21 28.55 -14.12
C GLU B 81 -22.12 27.52 -14.77
N TYR B 82 -22.08 27.52 -16.08
CA TYR B 82 -22.63 26.48 -16.93
C TYR B 82 -22.31 25.12 -16.27
N HIS B 83 -23.29 24.22 -16.34
CA HIS B 83 -23.24 22.89 -15.77
C HIS B 83 -23.00 22.99 -14.27
N SER B 84 -23.91 23.67 -13.58
CA SER B 84 -23.99 23.66 -12.14
C SER B 84 -25.29 22.96 -11.70
N PRO B 85 -25.52 21.67 -12.09
CA PRO B 85 -26.79 21.01 -11.83
C PRO B 85 -27.11 20.96 -10.34
N ILE B 86 -26.06 20.77 -9.53
CA ILE B 86 -26.29 20.46 -8.15
C ILE B 86 -26.29 21.79 -7.39
N THR B 87 -25.28 22.62 -7.64
CA THR B 87 -25.18 23.87 -6.89
C THR B 87 -26.40 24.73 -7.13
N THR B 88 -26.99 24.70 -8.33
CA THR B 88 -28.07 25.64 -8.67
C THR B 88 -29.29 25.37 -7.80
N LYS B 89 -29.49 24.09 -7.49
CA LYS B 89 -30.66 23.70 -6.73
C LYS B 89 -30.47 23.86 -5.21
N TYR B 90 -29.23 24.07 -4.75
CA TYR B 90 -29.01 24.41 -3.36
C TYR B 90 -28.75 25.90 -3.13
N LYS B 91 -29.07 26.74 -4.11
CA LYS B 91 -28.53 28.10 -4.07
C LYS B 91 -29.04 28.89 -2.85
N GLY B 92 -30.33 28.75 -2.50
CA GLY B 92 -31.00 29.51 -1.44
C GLY B 92 -30.43 29.24 -0.05
N SER B 93 -30.09 27.96 0.23
CA SER B 93 -29.67 27.57 1.59
C SER B 93 -28.18 27.22 1.70
N GLY B 94 -27.43 27.19 0.59
CA GLY B 94 -26.05 26.73 0.61
C GLY B 94 -25.94 25.19 0.66
N MET B 95 -24.68 24.67 0.63
CA MET B 95 -24.44 23.25 0.87
C MET B 95 -23.37 23.05 1.93
N THR B 96 -23.30 21.84 2.51
CA THR B 96 -22.16 21.53 3.37
C THR B 96 -20.93 21.39 2.48
N LEU B 97 -19.73 21.56 3.04
CA LEU B 97 -18.51 21.40 2.27
C LEU B 97 -18.44 20.02 1.62
N GLY B 98 -18.78 18.99 2.37
CA GLY B 98 -18.70 17.62 1.92
C GLY B 98 -19.62 17.36 0.73
N ASP B 99 -20.81 17.90 0.83
CA ASP B 99 -21.82 17.79 -0.22
C ASP B 99 -21.35 18.53 -1.47
N MET B 100 -20.91 19.76 -1.32
CA MET B 100 -20.40 20.48 -2.47
C MET B 100 -19.24 19.74 -3.15
N ALA B 101 -18.29 19.22 -2.34
CA ALA B 101 -17.10 18.62 -2.96
C ALA B 101 -17.49 17.35 -3.71
N SER B 102 -18.49 16.60 -3.17
CA SER B 102 -18.91 15.35 -3.79
C SER B 102 -19.77 15.66 -5.01
N ALA B 103 -20.40 16.82 -4.98
CA ALA B 103 -21.09 17.29 -6.18
C ALA B 103 -20.07 17.57 -7.26
N ALA B 104 -18.98 18.20 -6.87
CA ALA B 104 -17.94 18.48 -7.83
C ALA B 104 -17.54 17.14 -8.48
N LEU B 105 -17.34 16.11 -7.68
CA LEU B 105 -16.91 14.83 -8.21
C LEU B 105 -18.03 14.16 -9.01
N GLN B 106 -19.20 13.93 -8.37
CA GLN B 106 -20.15 12.93 -8.84
C GLN B 106 -20.94 13.42 -10.06
N TYR B 107 -21.02 14.77 -10.16
CA TYR B 107 -21.83 15.38 -11.17
C TYR B 107 -21.03 16.39 -11.95
N SER B 108 -19.74 16.56 -11.57
CA SER B 108 -18.85 17.39 -12.37
C SER B 108 -19.29 18.87 -12.24
N ASP B 109 -19.88 19.24 -11.10
CA ASP B 109 -20.51 20.52 -10.96
C ASP B 109 -19.44 21.61 -11.01
N ASN B 110 -19.59 22.57 -11.94
CA ASN B 110 -18.67 23.67 -12.17
C ASN B 110 -18.69 24.71 -11.06
N GLY B 111 -19.86 25.04 -10.53
CA GLY B 111 -20.03 26.03 -9.47
C GLY B 111 -19.36 25.53 -8.18
N ALA B 112 -19.54 24.24 -7.85
CA ALA B 112 -18.91 23.56 -6.73
C ALA B 112 -17.41 23.67 -6.89
N THR B 113 -16.92 23.24 -8.06
CA THR B 113 -15.52 23.27 -8.42
C THR B 113 -14.91 24.66 -8.17
N ASN B 114 -15.51 25.71 -8.77
CA ASN B 114 -14.87 27.01 -8.72
C ASN B 114 -15.04 27.64 -7.35
N ILE B 115 -16.16 27.37 -6.66
CA ILE B 115 -16.32 27.90 -5.32
C ILE B 115 -15.27 27.25 -4.42
N ILE B 116 -15.07 25.93 -4.56
CA ILE B 116 -14.11 25.29 -3.72
C ILE B 116 -12.69 25.86 -3.97
N MET B 117 -12.26 25.96 -5.23
CA MET B 117 -10.96 26.53 -5.53
C MET B 117 -10.91 27.98 -5.07
N GLU B 118 -12.01 28.72 -5.19
CA GLU B 118 -11.83 30.12 -4.81
C GLU B 118 -11.70 30.30 -3.28
N ARG B 119 -12.34 29.46 -2.45
CA ARG B 119 -12.36 29.79 -1.03
C ARG B 119 -11.44 28.92 -0.17
N PHE B 120 -11.18 27.68 -0.59
CA PHE B 120 -10.60 26.70 0.34
C PHE B 120 -9.25 26.19 -0.16
N LEU B 121 -8.97 26.27 -1.48
CA LEU B 121 -7.86 25.52 -2.02
C LEU B 121 -6.76 26.41 -2.62
N GLY B 122 -7.04 27.71 -2.80
CA GLY B 122 -5.99 28.61 -3.28
C GLY B 122 -5.97 28.59 -4.81
N GLY B 123 -7.13 28.37 -5.43
CA GLY B 123 -7.12 28.57 -6.87
C GLY B 123 -6.39 27.43 -7.58
N PRO B 124 -6.19 27.57 -8.91
CA PRO B 124 -5.41 26.59 -9.66
C PRO B 124 -3.97 26.38 -9.18
N GLU B 125 -3.29 27.41 -8.66
CA GLU B 125 -1.96 27.23 -8.10
C GLU B 125 -2.03 26.23 -6.94
N GLY B 126 -2.99 26.46 -6.03
CA GLY B 126 -3.22 25.68 -4.81
C GLY B 126 -3.56 24.24 -5.16
N MET B 127 -4.43 24.06 -6.17
CA MET B 127 -4.71 22.74 -6.74
C MET B 127 -3.42 22.05 -7.29
N THR B 128 -2.62 22.80 -8.04
CA THR B 128 -1.31 22.26 -8.44
C THR B 128 -0.42 21.95 -7.23
N LYS B 129 -0.29 22.85 -6.25
CA LYS B 129 0.47 22.56 -5.03
C LYS B 129 0.02 21.28 -4.34
N PHE B 130 -1.30 21.05 -4.22
CA PHE B 130 -1.70 19.84 -3.54
C PHE B 130 -1.16 18.64 -4.32
N MET B 131 -1.24 18.69 -5.66
CA MET B 131 -0.69 17.57 -6.42
C MET B 131 0.84 17.43 -6.21
N ARG B 132 1.57 18.53 -6.12
CA ARG B 132 3.01 18.47 -5.86
C ARG B 132 3.23 17.75 -4.53
N SER B 133 2.29 17.94 -3.57
CA SER B 133 2.56 17.51 -2.21
C SER B 133 2.40 16.00 -2.13
N ILE B 134 1.85 15.33 -3.18
CA ILE B 134 1.78 13.88 -3.05
C ILE B 134 2.79 13.29 -3.99
N GLY B 135 3.72 14.15 -4.44
CA GLY B 135 4.77 13.74 -5.35
C GLY B 135 4.34 13.71 -6.81
N ASP B 136 3.31 14.46 -7.21
CA ASP B 136 2.94 14.48 -8.63
C ASP B 136 3.52 15.75 -9.25
N ASN B 137 4.61 15.57 -10.04
CA ASN B 137 5.38 16.63 -10.69
C ASN B 137 4.82 16.99 -12.07
N GLU B 138 3.94 16.13 -12.59
CA GLU B 138 3.45 16.26 -13.95
C GLU B 138 2.19 17.14 -14.02
N PHE B 139 1.26 16.95 -13.07
CA PHE B 139 -0.01 17.61 -13.05
C PHE B 139 0.15 19.14 -13.06
N ARG B 140 -0.67 19.86 -13.84
CA ARG B 140 -0.85 21.29 -13.60
C ARG B 140 -2.25 21.74 -14.01
N LEU B 141 -2.82 22.56 -13.14
CA LEU B 141 -4.00 23.31 -13.51
C LEU B 141 -3.59 24.78 -13.54
N ASP B 142 -4.09 25.54 -14.47
CA ASP B 142 -3.66 26.92 -14.59
C ASP B 142 -4.86 27.83 -14.73
N ARG B 143 -6.03 27.32 -15.16
CA ARG B 143 -7.17 28.21 -15.37
C ARG B 143 -8.41 27.76 -14.56
N TRP B 144 -9.48 28.55 -14.59
CA TRP B 144 -10.70 28.18 -13.86
C TRP B 144 -11.70 27.46 -14.76
N GLU B 145 -12.78 26.91 -14.18
CA GLU B 145 -13.88 26.46 -15.02
C GLU B 145 -14.49 27.71 -15.67
N LEU B 146 -14.78 27.76 -16.98
CA LEU B 146 -14.75 26.65 -17.91
C LEU B 146 -13.60 26.81 -18.91
N GLU B 147 -12.83 27.90 -18.75
CA GLU B 147 -11.68 28.25 -19.62
C GLU B 147 -10.62 27.14 -19.66
N LEU B 148 -10.59 26.27 -18.64
CA LEU B 148 -9.52 25.27 -18.55
C LEU B 148 -9.79 24.11 -19.53
N ASN B 149 -10.99 24.09 -20.16
CA ASN B 149 -11.44 23.04 -21.09
C ASN B 149 -11.10 23.30 -22.58
N THR B 150 -10.21 24.23 -22.90
CA THR B 150 -10.02 24.56 -24.31
C THR B 150 -9.37 23.41 -25.10
N ALA B 151 -8.52 22.59 -24.45
CA ALA B 151 -7.95 21.38 -25.07
C ALA B 151 -7.24 21.67 -26.40
N ILE B 152 -6.60 22.85 -26.49
CA ILE B 152 -5.92 23.21 -27.71
C ILE B 152 -4.66 22.35 -27.90
N PRO B 153 -4.48 21.67 -29.06
CA PRO B 153 -3.32 20.82 -29.32
C PRO B 153 -2.05 21.62 -29.06
N GLY B 154 -1.11 21.01 -28.33
CA GLY B 154 0.23 21.53 -28.11
C GLY B 154 0.31 22.45 -26.91
N ASP B 155 -0.83 22.62 -26.20
CA ASP B 155 -0.93 23.53 -25.07
C ASP B 155 -0.77 22.75 -23.75
N LYS B 156 0.23 23.15 -22.93
CA LYS B 156 0.50 22.46 -21.67
C LYS B 156 -0.51 22.84 -20.59
N ARG B 157 -1.19 23.96 -20.75
CA ARG B 157 -2.04 24.42 -19.68
C ARG B 157 -3.07 23.32 -19.34
N ASP B 158 -3.41 23.19 -18.06
CA ASP B 158 -4.47 22.32 -17.61
C ASP B 158 -4.27 20.89 -18.09
N THR B 159 -3.03 20.34 -17.97
CA THR B 159 -2.75 19.03 -18.52
C THR B 159 -2.13 18.14 -17.45
N SER B 160 -2.13 16.84 -17.68
CA SER B 160 -1.21 15.98 -17.00
C SER B 160 -0.92 14.76 -17.85
N THR B 161 -0.34 13.71 -17.27
CA THR B 161 -0.07 12.51 -18.06
C THR B 161 -0.86 11.36 -17.47
N PRO B 162 -1.17 10.34 -18.27
CA PRO B 162 -1.99 9.21 -17.80
C PRO B 162 -1.34 8.44 -16.63
N LYS B 163 0.00 8.30 -16.72
CA LYS B 163 0.81 7.71 -15.64
C LYS B 163 0.66 8.46 -14.31
N ALA B 164 0.86 9.78 -14.36
CA ALA B 164 0.80 10.62 -13.19
C ALA B 164 -0.60 10.53 -12.60
N VAL B 165 -1.63 10.54 -13.45
CA VAL B 165 -3.01 10.48 -12.97
C VAL B 165 -3.17 9.14 -12.23
N ALA B 166 -2.79 8.04 -12.86
CA ALA B 166 -2.80 6.72 -12.24
C ALA B 166 -2.05 6.71 -10.91
N ASN B 167 -0.80 7.12 -10.93
CA ASN B 167 -0.02 7.11 -9.69
C ASN B 167 -0.68 7.95 -8.58
N SER B 168 -1.13 9.18 -8.89
CA SER B 168 -1.84 10.01 -7.92
C SER B 168 -3.10 9.33 -7.37
N LEU B 169 -3.97 8.78 -8.27
CA LEU B 169 -5.16 8.07 -7.84
C LEU B 169 -4.81 6.89 -6.91
N ASN B 170 -3.75 6.16 -7.26
CA ASN B 170 -3.26 5.03 -6.47
C ASN B 170 -2.99 5.54 -5.05
N LYS B 171 -2.26 6.68 -4.97
CA LYS B 171 -1.90 7.25 -3.68
C LYS B 171 -3.12 7.69 -2.86
N LEU B 172 -4.10 8.36 -3.49
CA LEU B 172 -5.23 8.95 -2.80
C LEU B 172 -6.32 7.91 -2.45
N ALA B 173 -6.65 7.03 -3.39
CA ALA B 173 -7.75 6.09 -3.20
C ALA B 173 -7.26 4.84 -2.47
N LEU B 174 -5.97 4.50 -2.60
CA LEU B 174 -5.48 3.23 -2.12
C LEU B 174 -4.26 3.37 -1.19
N GLY B 175 -3.67 4.58 -1.10
CA GLY B 175 -2.47 4.75 -0.30
C GLY B 175 -2.81 5.45 1.02
N ASN B 176 -1.85 6.21 1.52
CA ASN B 176 -1.89 6.68 2.89
C ASN B 176 -1.82 8.21 3.00
N VAL B 177 -2.15 8.94 1.94
CA VAL B 177 -2.29 10.39 2.03
C VAL B 177 -3.52 10.72 2.89
N LEU B 178 -4.58 9.92 2.76
CA LEU B 178 -5.79 10.16 3.52
C LEU B 178 -5.86 9.07 4.59
N ASN B 179 -6.36 9.43 5.78
CA ASN B 179 -6.43 8.48 6.88
C ASN B 179 -7.59 7.55 6.62
N ALA B 180 -7.60 6.42 7.35
CA ALA B 180 -8.52 5.32 7.14
C ALA B 180 -9.92 5.84 6.83
N LYS B 181 -10.43 6.68 7.74
CA LYS B 181 -11.85 6.99 7.67
C LYS B 181 -12.13 7.97 6.53
N VAL B 182 -11.20 8.90 6.27
CA VAL B 182 -11.43 9.93 5.27
C VAL B 182 -11.20 9.33 3.88
N LYS B 183 -10.34 8.29 3.79
CA LYS B 183 -10.06 7.58 2.54
C LYS B 183 -11.31 6.78 2.12
N ALA B 184 -12.00 6.19 3.11
CA ALA B 184 -13.23 5.43 2.98
C ALA B 184 -14.30 6.33 2.36
N ILE B 185 -14.38 7.58 2.83
CA ILE B 185 -15.28 8.57 2.25
C ILE B 185 -14.94 8.85 0.79
N TYR B 186 -13.67 9.18 0.56
CA TYR B 186 -13.20 9.47 -0.78
C TYR B 186 -13.57 8.29 -1.66
N GLN B 187 -13.32 7.07 -1.19
CA GLN B 187 -13.61 5.89 -1.99
C GLN B 187 -15.10 5.84 -2.32
N ASN B 188 -15.97 6.09 -1.33
CA ASN B 188 -17.40 6.13 -1.56
C ASN B 188 -17.80 7.23 -2.55
N TRP B 189 -17.10 8.37 -2.50
CA TRP B 189 -17.47 9.41 -3.46
C TRP B 189 -17.20 8.94 -4.89
N LEU B 190 -16.08 8.27 -5.10
CA LEU B 190 -15.68 7.81 -6.41
C LEU B 190 -16.64 6.73 -6.90
N LYS B 191 -17.10 5.86 -5.96
CA LYS B 191 -18.00 4.77 -6.31
C LYS B 191 -19.35 5.32 -6.73
N GLY B 192 -19.77 6.45 -6.19
CA GLY B 192 -21.10 6.95 -6.52
C GLY B 192 -21.10 7.97 -7.66
N ASN B 193 -20.04 7.97 -8.45
CA ASN B 193 -19.93 8.87 -9.60
C ASN B 193 -21.05 8.59 -10.62
N THR B 194 -21.65 9.64 -11.20
CA THR B 194 -22.84 9.38 -12.01
C THR B 194 -22.55 9.45 -13.52
N THR B 195 -21.31 9.80 -13.95
CA THR B 195 -21.08 10.27 -15.32
C THR B 195 -20.24 9.28 -16.12
N GLY B 196 -19.90 8.15 -15.52
CA GLY B 196 -19.02 7.23 -16.20
C GLY B 196 -19.66 5.92 -16.63
N ASP B 197 -20.97 5.89 -16.95
CA ASP B 197 -21.55 4.59 -17.28
C ASP B 197 -21.02 3.99 -18.59
N ALA B 198 -20.61 4.86 -19.54
CA ALA B 198 -20.26 4.35 -20.85
C ALA B 198 -18.74 4.27 -21.07
N ARG B 199 -17.98 4.41 -19.97
CA ARG B 199 -16.51 4.50 -20.08
C ARG B 199 -15.91 3.30 -19.38
N ILE B 200 -15.18 3.53 -18.29
CA ILE B 200 -14.44 2.40 -17.72
C ILE B 200 -15.39 1.36 -17.11
N ARG B 201 -16.50 1.84 -16.52
CA ARG B 201 -17.56 0.97 -16.00
C ARG B 201 -18.11 -0.01 -17.05
N ALA B 202 -18.22 0.47 -18.29
CA ALA B 202 -18.67 -0.33 -19.42
C ALA B 202 -17.61 -1.36 -19.82
N SER B 203 -16.36 -1.23 -19.33
CA SER B 203 -15.31 -2.18 -19.70
C SER B 203 -15.17 -3.39 -18.76
N VAL B 204 -15.99 -3.50 -17.71
CA VAL B 204 -15.73 -4.43 -16.61
C VAL B 204 -17.04 -5.14 -16.29
N PRO B 205 -17.00 -6.42 -15.85
CA PRO B 205 -18.19 -7.18 -15.51
C PRO B 205 -18.97 -6.31 -14.54
N ALA B 206 -20.29 -6.43 -14.66
CA ALA B 206 -21.19 -5.66 -13.85
C ALA B 206 -21.00 -6.00 -12.37
N ASP B 207 -20.40 -7.16 -12.04
CA ASP B 207 -20.32 -7.49 -10.62
C ASP B 207 -19.11 -6.83 -9.94
N TRP B 208 -18.16 -6.25 -10.69
CA TRP B 208 -17.00 -5.52 -10.16
C TRP B 208 -17.40 -4.14 -9.64
N VAL B 209 -16.76 -3.68 -8.56
CA VAL B 209 -17.03 -2.37 -7.99
C VAL B 209 -16.03 -1.37 -8.62
N VAL B 210 -16.54 -0.23 -9.07
CA VAL B 210 -15.75 0.81 -9.71
C VAL B 210 -16.10 2.11 -9.05
N GLY B 211 -15.09 2.90 -8.72
CA GLY B 211 -15.23 4.33 -8.50
C GLY B 211 -14.39 5.05 -9.57
N ASP B 212 -14.91 6.17 -10.10
CA ASP B 212 -14.28 6.79 -11.27
C ASP B 212 -14.50 8.31 -11.28
N LYS B 213 -13.72 9.04 -12.12
CA LYS B 213 -14.07 10.41 -12.48
C LYS B 213 -13.80 10.62 -13.97
N THR B 214 -14.75 11.16 -14.70
CA THR B 214 -14.63 11.41 -16.13
C THR B 214 -14.25 12.87 -16.35
N GLY B 215 -13.73 13.16 -17.54
CA GLY B 215 -13.69 14.52 -18.07
C GLY B 215 -14.13 14.53 -19.52
N SER B 216 -14.83 15.59 -19.90
CA SER B 216 -15.27 15.80 -21.28
C SER B 216 -15.08 17.27 -21.64
N CYS B 217 -14.07 17.63 -22.43
CA CYS B 217 -13.73 19.03 -22.58
C CYS B 217 -14.70 19.75 -23.50
N GLY B 218 -15.32 18.97 -24.42
CA GLY B 218 -16.20 19.47 -25.46
C GLY B 218 -15.41 20.17 -26.57
N ALA B 219 -14.13 19.84 -26.73
CA ALA B 219 -13.40 20.35 -27.88
C ALA B 219 -12.30 19.36 -28.20
N TYR B 220 -12.04 19.22 -29.50
CA TYR B 220 -10.94 18.41 -29.99
C TYR B 220 -11.19 16.95 -29.62
N GLY B 221 -12.49 16.63 -29.53
CA GLY B 221 -12.95 15.32 -29.05
C GLY B 221 -12.25 14.82 -27.78
N THR B 222 -11.96 15.72 -26.84
CA THR B 222 -11.06 15.37 -25.75
C THR B 222 -11.86 14.81 -24.57
N ALA B 223 -11.51 13.61 -24.11
CA ALA B 223 -12.25 13.09 -22.95
C ALA B 223 -11.40 12.00 -22.30
N ASN B 224 -11.81 11.60 -21.08
CA ASN B 224 -10.93 10.76 -20.27
C ASN B 224 -11.71 10.13 -19.14
N ASP B 225 -11.07 9.14 -18.47
CA ASP B 225 -11.70 8.54 -17.31
C ASP B 225 -10.56 7.92 -16.54
N TYR B 226 -10.63 8.05 -15.22
CA TYR B 226 -9.80 7.25 -14.34
C TYR B 226 -10.70 6.51 -13.33
N ALA B 227 -10.26 5.33 -12.90
CA ALA B 227 -11.03 4.49 -12.02
C ALA B 227 -10.10 3.69 -11.11
N VAL B 228 -10.54 3.49 -9.86
CA VAL B 228 -10.10 2.33 -9.12
C VAL B 228 -11.13 1.23 -9.37
N ILE B 229 -10.67 -0.02 -9.41
CA ILE B 229 -11.59 -1.08 -9.73
C ILE B 229 -11.37 -2.19 -8.70
N TRP B 230 -12.46 -2.62 -8.04
CA TRP B 230 -12.33 -3.77 -7.17
C TRP B 230 -12.96 -5.01 -7.81
N PRO B 231 -12.17 -5.94 -8.40
CA PRO B 231 -12.77 -7.19 -8.88
C PRO B 231 -13.15 -8.06 -7.66
N LYS B 232 -13.98 -9.08 -7.87
CA LYS B 232 -14.36 -9.86 -6.71
C LYS B 232 -13.19 -10.75 -6.29
N ASN B 233 -12.86 -10.77 -4.98
CA ASN B 233 -11.85 -11.62 -4.37
C ASN B 233 -10.46 -11.41 -5.01
N ARG B 234 -10.11 -10.13 -5.26
CA ARG B 234 -8.86 -9.78 -5.95
C ARG B 234 -8.44 -8.39 -5.52
N ALA B 235 -7.16 -8.10 -5.69
CA ALA B 235 -6.66 -6.78 -5.32
C ALA B 235 -7.23 -5.72 -6.26
N PRO B 236 -7.39 -4.45 -5.82
CA PRO B 236 -7.90 -3.40 -6.74
C PRO B 236 -6.99 -3.18 -7.96
N LEU B 237 -7.56 -2.66 -9.07
CA LEU B 237 -6.82 -2.22 -10.25
C LEU B 237 -6.99 -0.70 -10.36
N ILE B 238 -6.05 -0.04 -11.06
CA ILE B 238 -6.18 1.38 -11.30
C ILE B 238 -6.02 1.53 -12.80
N VAL B 239 -6.95 2.30 -13.41
CA VAL B 239 -6.95 2.52 -14.84
C VAL B 239 -7.14 4.01 -15.11
N SER B 240 -6.34 4.53 -16.04
CA SER B 240 -6.32 5.92 -16.45
C SER B 240 -6.30 5.96 -17.99
N ILE B 241 -7.27 6.66 -18.60
CA ILE B 241 -7.50 6.68 -20.03
C ILE B 241 -7.78 8.14 -20.42
N TYR B 242 -6.97 8.64 -21.34
CA TYR B 242 -7.03 10.02 -21.83
C TYR B 242 -6.96 9.97 -23.35
N THR B 243 -7.78 10.79 -24.02
CA THR B 243 -7.92 10.77 -25.46
C THR B 243 -8.03 12.21 -25.94
N THR B 244 -7.39 12.49 -27.09
CA THR B 244 -7.78 13.67 -27.86
C THR B 244 -7.96 13.29 -29.32
N ARG B 245 -8.47 14.25 -30.10
CA ARG B 245 -8.70 14.05 -31.53
C ARG B 245 -8.21 15.28 -32.29
N LYS B 246 -8.00 15.12 -33.61
CA LYS B 246 -7.25 16.05 -34.45
C LYS B 246 -8.02 17.34 -34.67
N SER B 247 -9.34 17.26 -34.90
CA SER B 247 -10.09 18.42 -35.29
C SER B 247 -10.88 18.95 -34.09
N LYS B 248 -11.06 20.27 -34.11
CA LYS B 248 -11.64 21.03 -33.04
C LYS B 248 -13.06 20.56 -32.81
N ASP B 249 -13.76 20.27 -33.91
CA ASP B 249 -15.19 20.05 -33.91
C ASP B 249 -15.48 18.57 -33.73
N ASP B 250 -14.41 17.75 -33.61
CA ASP B 250 -14.48 16.33 -33.35
C ASP B 250 -15.19 16.09 -32.04
N LYS B 251 -16.02 15.06 -32.03
CA LYS B 251 -16.78 14.70 -30.86
C LYS B 251 -15.94 13.67 -30.10
N HIS B 252 -16.20 13.55 -28.80
CA HIS B 252 -15.47 12.58 -28.01
C HIS B 252 -16.07 11.20 -28.24
N SER B 253 -15.29 10.12 -27.99
CA SER B 253 -15.76 8.75 -28.23
C SER B 253 -15.69 7.93 -26.93
N ASP B 254 -16.84 7.66 -26.30
CA ASP B 254 -16.91 6.93 -25.03
C ASP B 254 -16.49 5.48 -25.24
N LYS B 255 -16.82 4.98 -26.42
CA LYS B 255 -16.59 3.61 -26.81
C LYS B 255 -15.10 3.33 -27.03
N THR B 256 -14.34 4.32 -27.53
CA THR B 256 -12.88 4.22 -27.62
C THR B 256 -12.28 4.12 -26.21
N ILE B 257 -12.70 5.01 -25.31
CA ILE B 257 -12.30 4.93 -23.92
C ILE B 257 -12.62 3.55 -23.32
N ALA B 258 -13.89 3.05 -23.43
CA ALA B 258 -14.30 1.77 -22.89
C ALA B 258 -13.45 0.67 -23.53
N GLU B 259 -13.17 0.83 -24.82
CA GLU B 259 -12.41 -0.21 -25.48
C GLU B 259 -10.93 -0.14 -25.03
N ALA B 260 -10.38 1.07 -24.95
CA ALA B 260 -9.00 1.21 -24.50
C ALA B 260 -8.85 0.61 -23.10
N SER B 261 -9.92 0.78 -22.29
CA SER B 261 -9.92 0.22 -20.94
C SER B 261 -9.90 -1.30 -20.98
N ARG B 262 -10.79 -1.92 -21.78
CA ARG B 262 -10.76 -3.38 -21.92
C ARG B 262 -9.33 -3.85 -22.20
N ILE B 263 -8.63 -3.18 -23.13
CA ILE B 263 -7.28 -3.55 -23.56
C ILE B 263 -6.25 -3.38 -22.42
N ALA B 264 -6.29 -2.22 -21.76
CA ALA B 264 -5.46 -1.95 -20.60
C ALA B 264 -5.64 -3.07 -19.57
N ILE B 265 -6.90 -3.38 -19.26
CA ILE B 265 -7.16 -4.32 -18.18
C ILE B 265 -6.65 -5.70 -18.56
N GLN B 266 -6.88 -6.14 -19.81
CA GLN B 266 -6.40 -7.47 -20.18
C GLN B 266 -4.85 -7.52 -20.16
N ALA B 267 -4.17 -6.39 -20.42
CA ALA B 267 -2.70 -6.38 -20.40
C ALA B 267 -2.15 -6.60 -18.98
N ILE B 268 -2.86 -6.13 -17.95
CA ILE B 268 -2.32 -6.24 -16.60
C ILE B 268 -2.87 -7.47 -15.86
N ASP B 269 -3.76 -8.24 -16.45
CA ASP B 269 -4.58 -9.12 -15.63
C ASP B 269 -4.12 -10.58 -15.79
OAG JXG C . 16.53 -8.36 17.17
SAR JXG C . 16.52 -8.46 18.62
OAE JXG C . 16.81 -9.80 19.12
OAF JXG C . 15.33 -7.90 19.18
OAL JXG C . 17.63 -7.46 19.14
NAK JXG C . 17.39 -6.14 18.57
CAO JXG C . 17.07 -5.02 19.49
CAJ JXG C . 15.71 -4.36 19.21
CAI JXG C . 17.29 -5.35 20.95
CAN JXG C . 16.34 -5.43 21.85
CAD JXG C . 16.59 -5.81 23.28
CAP JXG C . 14.89 -5.15 21.46
CAM JXG C . 14.38 -3.83 21.87
O2 JXG C . 13.16 -3.67 21.87
N JXG C . 15.28 -2.89 22.12
NAQ JXG C . 14.69 -5.04 20.01
CAH JXG C . 13.65 -5.68 19.51
O JXG C . 13.01 -6.50 20.16
C1 PEG D . 16.25 -37.57 10.09
O1 PEG D . 15.95 -38.35 11.25
C2 PEG D . 16.67 -38.36 8.88
O2 PEG D . 16.38 -37.62 7.68
C3 PEG D . 17.55 -37.20 6.95
C4 PEG D . 17.20 -36.90 5.52
O4 PEG D . 18.29 -36.25 4.79
CL CL E . 5.18 7.32 17.31
OAG JXG F . -17.47 14.78 -16.11
SAR JXG F . -18.09 14.70 -17.44
OAE JXG F . -17.24 14.05 -18.44
OAF JXG F . -19.37 14.05 -17.35
OAL JXG F . -18.36 16.22 -17.85
NAK JXG F . -19.62 16.84 -17.41
CAO JXG F . -19.52 18.31 -17.28
CAJ JXG F . -18.18 18.85 -16.72
CAI JXG F . -19.87 18.79 -18.65
CAN JXG F . -18.98 19.41 -19.42
CAD JXG F . -19.38 20.20 -20.63
CAP JXG F . -17.49 19.44 -19.07
CAM JXG F . -16.98 20.85 -19.22
O2 JXG F . -16.65 21.19 -20.35
N JXG F . -16.96 21.66 -18.18
NAQ JXG F . -17.13 18.94 -17.75
CAH JXG F . -15.87 18.48 -17.58
O JXG F . -15.11 18.17 -18.49
C1 PEG G . -5.71 -12.57 -20.11
O1 PEG G . -4.58 -13.50 -20.27
C2 PEG G . -6.63 -12.88 -18.96
O2 PEG G . -6.03 -13.84 -18.07
C3 PEG G . -6.74 -14.13 -16.87
C4 PEG G . -5.82 -13.95 -15.62
O4 PEG G . -4.40 -14.25 -15.81
#